data_5YK5
#
_entry.id   5YK5
#
_cell.length_a   76.672
_cell.length_b   76.672
_cell.length_c   52.939
_cell.angle_alpha   90.00
_cell.angle_beta   90.00
_cell.angle_gamma   120.00
#
_symmetry.space_group_name_H-M   'P 32'
#
loop_
_entity.id
_entity.type
_entity.pdbx_description
1 polymer 'Ragulator complex protein LAMTOR4'
2 polymer 'Ragulator complex protein LAMTOR5'
3 polymer 'Ragulator complex protein LAMTOR4'
4 polymer 'Ragulator complex protein LAMTOR5'
5 water water
#
loop_
_entity_poly.entity_id
_entity_poly.type
_entity_poly.pdbx_seq_one_letter_code
_entity_poly.pdbx_strand_id
1 'polypeptide(L)'
;LERIPDQLGYLVLSEGAVLASSGDLENDEQAASAISELVSTACGFRLHRGMNVPFKRLSVVFGEHTLLVTVSGQRVFVVK
RQNR
;
A
2 'polypeptide(L)'
;AATLEQHLEDTMKNPSIVGVLCTDSQGLNLGCRGTLSDEHAGVISVLAQQAAKLTSDPTDIPVVCLESDNGNIMIQKHDG
ITVAVHKMA
;
B
3 'polypeptide(L)'
;LARIPDQLGYLVLSEGAVLASSGDLENDEQAASAISELVSTACGFRLHRGMNVPFKRLSVVFGEHTLLVTVSGQRVFVVK
RQNA
;
C
4 'polypeptide(L)'
;TLEQHLEDTMKNPSIVGVLCTDSQGLNLGCRGTLSDEHAGVISVLAQQAAKLTSDPTDIPVVCLESDNGNIMIQKHDGIT
VAVHKM
;
D
#
# COMPACT_ATOMS: atom_id res chain seq x y z
N LEU A 1 -17.43 4.02 -38.22
CA LEU A 1 -16.58 3.55 -37.10
C LEU A 1 -16.43 4.58 -35.98
N GLU A 2 -16.34 4.08 -34.74
CA GLU A 2 -16.35 4.90 -33.52
C GLU A 2 -15.22 5.94 -33.51
N ARG A 3 -15.52 7.11 -32.98
CA ARG A 3 -14.55 8.18 -32.93
C ARG A 3 -13.75 8.06 -31.64
N ILE A 4 -12.44 7.92 -31.77
CA ILE A 4 -11.54 7.82 -30.61
C ILE A 4 -11.00 9.21 -30.28
N PRO A 5 -11.12 9.66 -29.02
CA PRO A 5 -10.70 11.03 -28.69
C PRO A 5 -9.21 11.24 -28.96
N ASP A 6 -8.80 12.50 -29.10
CA ASP A 6 -7.44 12.88 -29.42
C ASP A 6 -6.51 12.55 -28.26
N GLN A 7 -5.27 12.20 -28.59
CA GLN A 7 -4.23 12.13 -27.58
C GLN A 7 -3.66 13.50 -27.36
N LEU A 8 -3.30 13.81 -26.13
CA LEU A 8 -2.72 15.11 -25.76
C LEU A 8 -1.24 14.99 -25.32
N GLY A 9 -0.75 13.76 -25.18
CA GLY A 9 0.64 13.50 -24.82
C GLY A 9 0.84 12.06 -24.40
N TYR A 10 2.10 11.62 -24.42
CA TYR A 10 2.53 10.28 -24.03
C TYR A 10 3.72 10.44 -23.12
N LEU A 11 3.94 9.41 -22.32
CA LEU A 11 5.07 9.37 -21.41
C LEU A 11 5.40 7.90 -21.24
N VAL A 12 6.66 7.57 -21.44
CA VAL A 12 7.15 6.23 -21.13
C VAL A 12 8.26 6.37 -20.10
N LEU A 13 8.10 5.64 -19.00
CA LEU A 13 9.05 5.63 -17.92
C LEU A 13 9.72 4.29 -17.85
N SER A 14 11.01 4.33 -17.57
CA SER A 14 11.78 3.14 -17.46
C SER A 14 12.62 3.45 -16.25
N GLU A 15 12.20 2.88 -15.12
CA GLU A 15 12.57 3.40 -13.79
C GLU A 15 14.03 3.84 -13.72
N GLY A 16 14.26 5.07 -13.26
CA GLY A 16 13.19 5.97 -12.84
C GLY A 16 12.79 6.95 -13.95
N ALA A 17 13.64 7.04 -14.98
CA ALA A 17 13.68 8.18 -15.92
C ALA A 17 12.63 8.18 -17.05
N VAL A 18 12.45 9.35 -17.66
CA VAL A 18 11.68 9.50 -18.90
C VAL A 18 12.47 8.84 -20.03
N LEU A 19 11.89 7.80 -20.63
CA LEU A 19 12.46 7.18 -21.83
C LEU A 19 11.99 7.90 -23.10
N ALA A 20 10.73 8.32 -23.10
CA ALA A 20 10.13 9.09 -24.21
C ALA A 20 8.96 9.94 -23.68
N SER A 21 8.60 11.00 -24.41
CA SER A 21 7.50 11.87 -24.00
C SER A 21 7.11 12.75 -25.16
N SER A 22 5.86 13.20 -25.16
CA SER A 22 5.42 14.13 -26.19
C SER A 22 4.23 14.90 -25.66
N GLY A 23 3.87 15.98 -26.38
CA GLY A 23 2.70 16.78 -26.10
C GLY A 23 2.75 17.40 -24.73
N ASP A 24 1.61 17.43 -24.05
CA ASP A 24 1.52 17.99 -22.71
C ASP A 24 2.52 17.38 -21.72
N LEU A 25 2.96 16.14 -21.97
CA LEU A 25 3.81 15.42 -21.00
C LEU A 25 5.31 15.54 -21.27
N GLU A 26 5.66 16.23 -22.35
CA GLU A 26 7.08 16.35 -22.79
C GLU A 26 7.91 17.13 -21.81
N ASN A 27 9.08 16.60 -21.46
CA ASN A 27 9.94 17.19 -20.43
C ASN A 27 9.09 17.87 -19.32
N ASP A 28 8.31 17.05 -18.63
CA ASP A 28 7.58 17.49 -17.46
C ASP A 28 7.98 16.53 -16.34
N GLU A 29 9.08 16.86 -15.67
CA GLU A 29 9.67 15.99 -14.63
C GLU A 29 8.71 15.79 -13.45
N GLN A 30 7.92 16.82 -13.15
CA GLN A 30 6.99 16.75 -12.02
C GLN A 30 5.91 15.72 -12.27
N ALA A 31 5.36 15.70 -13.48
CA ALA A 31 4.34 14.75 -13.84
C ALA A 31 4.94 13.35 -13.83
N ALA A 32 6.15 13.21 -14.38
CA ALA A 32 6.76 11.90 -14.44
C ALA A 32 7.04 11.34 -13.05
N SER A 33 7.51 12.20 -12.15
CA SER A 33 7.72 11.81 -10.76
C SER A 33 6.40 11.43 -10.05
N ALA A 34 5.36 12.25 -10.23
CA ALA A 34 4.07 11.98 -9.57
C ALA A 34 3.39 10.71 -10.13
N ILE A 35 3.47 10.48 -11.43
CA ILE A 35 2.95 9.24 -12.02
C ILE A 35 3.71 8.01 -11.48
N SER A 36 5.03 8.12 -11.48
CA SER A 36 5.88 7.05 -11.02
C SER A 36 5.50 6.65 -9.58
N GLU A 37 5.26 7.63 -8.72
CA GLU A 37 4.83 7.32 -7.34
C GLU A 37 3.45 6.64 -7.27
N LEU A 38 2.50 7.15 -8.06
CA LEU A 38 1.14 6.61 -8.07
C LEU A 38 1.19 5.16 -8.52
N VAL A 39 1.94 4.92 -9.60
CA VAL A 39 2.08 3.60 -10.17
C VAL A 39 2.73 2.63 -9.21
N SER A 40 3.79 3.05 -8.53
CA SER A 40 4.43 2.14 -7.57
C SER A 40 3.43 1.71 -6.46
N THR A 41 2.69 2.66 -5.89
CA THR A 41 1.64 2.33 -4.91
C THR A 41 0.55 1.41 -5.51
N ALA A 42 0.05 1.77 -6.68
CA ALA A 42 -1.03 0.99 -7.30
C ALA A 42 -0.55 -0.45 -7.58
N CYS A 43 0.71 -0.58 -8.00
CA CYS A 43 1.26 -1.89 -8.32
C CYS A 43 1.44 -2.76 -7.09
N GLY A 44 1.73 -2.13 -5.94
CA GLY A 44 1.96 -2.85 -4.69
C GLY A 44 0.64 -3.22 -4.04
N PHE A 45 -0.46 -2.64 -4.51
CA PHE A 45 -1.77 -2.82 -3.89
C PHE A 45 -2.31 -4.22 -4.17
N ARG A 46 -2.80 -4.87 -3.12
CA ARG A 46 -3.45 -6.17 -3.23
C ARG A 46 -4.85 -6.12 -2.65
N LEU A 47 -5.80 -6.65 -3.41
CA LEU A 47 -7.18 -6.85 -2.97
C LEU A 47 -7.23 -8.14 -2.09
N HIS A 48 -7.38 -9.30 -2.72
CA HIS A 48 -7.52 -10.56 -1.98
C HIS A 48 -6.67 -11.70 -2.50
N ARG A 49 -5.86 -11.40 -3.51
CA ARG A 49 -4.95 -12.41 -4.07
C ARG A 49 -3.53 -11.85 -4.16
N GLY A 50 -2.66 -12.39 -3.30
CA GLY A 50 -1.27 -11.95 -3.28
C GLY A 50 -0.56 -11.99 -4.63
N MET A 51 -0.91 -12.98 -5.48
CA MET A 51 -0.19 -13.18 -6.76
C MET A 51 -0.94 -12.56 -7.93
N ASN A 52 -1.60 -11.44 -7.66
CA ASN A 52 -2.40 -10.75 -8.67
C ASN A 52 -2.35 -9.24 -8.46
N VAL A 53 -1.72 -8.53 -9.40
CA VAL A 53 -1.87 -7.07 -9.51
C VAL A 53 -3.33 -6.80 -9.86
N PRO A 54 -4.08 -6.13 -8.96
CA PRO A 54 -5.54 -6.01 -9.13
C PRO A 54 -6.00 -4.96 -10.18
N PHE A 55 -5.22 -4.80 -11.24
CA PHE A 55 -5.58 -3.92 -12.38
C PHE A 55 -4.83 -4.29 -13.66
N LYS A 56 -5.47 -4.11 -14.80
CA LYS A 56 -4.76 -4.17 -16.06
C LYS A 56 -4.50 -2.76 -16.59
N ARG A 57 -5.23 -1.79 -16.05
CA ARG A 57 -5.05 -0.40 -16.43
C ARG A 57 -5.36 0.48 -15.26
N LEU A 58 -4.62 1.56 -15.13
CA LEU A 58 -4.92 2.57 -14.14
C LEU A 58 -5.34 3.82 -14.90
N SER A 59 -6.54 4.32 -14.65
CA SER A 59 -6.91 5.58 -15.23
C SER A 59 -7.28 6.68 -14.26
N VAL A 60 -6.75 7.86 -14.55
CA VAL A 60 -6.93 8.99 -13.69
C VAL A 60 -7.78 9.96 -14.50
N VAL A 61 -9.02 10.12 -14.09
CA VAL A 61 -9.99 10.84 -14.91
C VAL A 61 -10.15 12.24 -14.33
N PHE A 62 -9.85 13.24 -15.15
CA PHE A 62 -10.09 14.65 -14.80
C PHE A 62 -11.31 15.14 -15.58
N GLY A 63 -11.66 16.40 -15.40
CA GLY A 63 -12.84 16.98 -16.01
C GLY A 63 -12.83 16.94 -17.52
N GLU A 64 -11.68 17.30 -18.12
CA GLU A 64 -11.54 17.36 -19.59
C GLU A 64 -10.63 16.28 -20.23
N HIS A 65 -9.79 15.63 -19.42
CA HIS A 65 -8.86 14.60 -19.93
C HIS A 65 -8.69 13.46 -18.95
N THR A 66 -8.17 12.33 -19.44
CA THR A 66 -7.80 11.24 -18.55
C THR A 66 -6.40 10.69 -18.85
N LEU A 67 -5.66 10.36 -17.80
CA LEU A 67 -4.39 9.68 -17.99
C LEU A 67 -4.66 8.18 -17.93
N LEU A 68 -4.22 7.49 -18.96
CA LEU A 68 -4.35 6.05 -19.10
C LEU A 68 -2.97 5.41 -18.93
N VAL A 69 -2.82 4.64 -17.86
CA VAL A 69 -1.51 4.12 -17.46
C VAL A 69 -1.50 2.59 -17.48
N THR A 70 -0.58 2.02 -18.24
CA THR A 70 -0.30 0.58 -18.20
C THR A 70 1.15 0.34 -17.81
N VAL A 71 1.39 -0.79 -17.16
CA VAL A 71 2.68 -1.11 -16.59
C VAL A 71 3.11 -2.41 -17.25
N SER A 72 4.38 -2.51 -17.58
CA SER A 72 4.91 -3.81 -17.90
C SER A 72 6.41 -3.72 -18.04
N GLY A 73 7.16 -4.44 -17.20
CA GLY A 73 6.82 -4.68 -15.80
C GLY A 73 7.62 -3.60 -15.06
N GLN A 74 8.88 -3.38 -15.44
CA GLN A 74 9.58 -2.18 -14.93
C GLN A 74 9.46 -0.92 -15.83
N ARG A 75 8.59 -0.96 -16.83
CA ARG A 75 8.25 0.25 -17.56
C ARG A 75 6.83 0.69 -17.31
N VAL A 76 6.57 1.97 -17.56
CA VAL A 76 5.24 2.56 -17.41
C VAL A 76 4.86 3.26 -18.72
N PHE A 77 3.67 3.00 -19.22
CA PHE A 77 3.21 3.62 -20.46
C PHE A 77 2.00 4.52 -20.18
N VAL A 78 2.14 5.81 -20.49
CA VAL A 78 1.08 6.77 -20.18
C VAL A 78 0.57 7.45 -21.44
N VAL A 79 -0.75 7.49 -21.61
CA VAL A 79 -1.37 8.31 -22.65
C VAL A 79 -2.31 9.32 -22.01
N LYS A 80 -2.08 10.60 -22.31
CA LYS A 80 -3.04 11.61 -21.92
C LYS A 80 -4.06 11.73 -23.04
N ARG A 81 -5.31 11.51 -22.70
CA ARG A 81 -6.35 11.44 -23.69
C ARG A 81 -7.44 12.44 -23.34
N GLN A 82 -7.89 13.16 -24.36
CA GLN A 82 -9.10 13.95 -24.26
C GLN A 82 -10.28 13.09 -23.81
N ASN A 83 -11.20 13.62 -23.01
CA ASN A 83 -12.38 12.84 -22.59
C ASN A 83 -13.41 12.65 -23.71
N ARG A 84 -14.09 11.50 -23.71
CA ARG A 84 -15.12 11.17 -24.72
C ARG A 84 -16.34 12.08 -24.60
N ALA B 1 -17.30 14.16 6.76
CA ALA B 1 -18.18 15.36 6.60
C ALA B 1 -19.64 15.00 6.89
N ALA B 2 -20.10 15.36 8.10
CA ALA B 2 -21.38 14.88 8.65
C ALA B 2 -21.42 13.33 8.65
N THR B 3 -22.57 12.72 8.98
CA THR B 3 -22.68 11.25 8.97
C THR B 3 -22.50 10.64 7.57
N LEU B 4 -22.14 9.35 7.55
CA LEU B 4 -21.72 8.65 6.33
C LEU B 4 -22.05 7.17 6.34
N GLU B 5 -22.61 6.69 7.44
CA GLU B 5 -22.96 5.28 7.59
C GLU B 5 -24.06 4.91 6.59
N GLN B 6 -25.07 5.78 6.53
CA GLN B 6 -26.23 5.65 5.67
C GLN B 6 -25.86 5.54 4.18
N HIS B 7 -24.83 6.28 3.79
CA HIS B 7 -24.39 6.30 2.39
C HIS B 7 -23.72 5.02 2.02
N LEU B 8 -22.87 4.50 2.91
CA LEU B 8 -22.23 3.17 2.73
C LEU B 8 -23.27 2.10 2.48
N GLU B 9 -24.38 2.17 3.23
CA GLU B 9 -25.42 1.15 3.12
C GLU B 9 -26.20 1.25 1.82
N ASP B 10 -26.65 2.45 1.48
CA ASP B 10 -27.36 2.67 0.20
C ASP B 10 -26.53 2.24 -1.01
N THR B 11 -25.23 2.56 -0.97
CA THR B 11 -24.33 2.28 -2.08
C THR B 11 -24.18 0.79 -2.29
N MET B 12 -24.07 0.06 -1.18
CA MET B 12 -23.92 -1.39 -1.22
C MET B 12 -25.16 -2.05 -1.77
N LYS B 13 -26.29 -1.32 -1.76
CA LYS B 13 -27.56 -1.89 -2.24
C LYS B 13 -27.49 -2.17 -3.71
N ASN B 14 -26.65 -1.42 -4.42
CA ASN B 14 -26.42 -1.70 -5.84
C ASN B 14 -25.88 -3.12 -5.99
N PRO B 15 -26.45 -3.93 -6.92
CA PRO B 15 -26.03 -5.34 -6.94
C PRO B 15 -24.66 -5.59 -7.59
N SER B 16 -24.08 -4.59 -8.24
CA SER B 16 -22.72 -4.76 -8.75
C SER B 16 -21.66 -4.16 -7.82
N ILE B 17 -22.08 -3.32 -6.86
CA ILE B 17 -21.15 -2.77 -5.89
C ILE B 17 -20.92 -3.80 -4.75
N VAL B 18 -19.70 -4.33 -4.67
CA VAL B 18 -19.36 -5.38 -3.69
C VAL B 18 -18.52 -4.86 -2.51
N GLY B 19 -18.07 -3.62 -2.63
CA GLY B 19 -17.29 -3.00 -1.57
C GLY B 19 -17.37 -1.50 -1.64
N VAL B 20 -17.28 -0.88 -0.47
CA VAL B 20 -17.21 0.56 -0.38
C VAL B 20 -16.30 0.86 0.83
N LEU B 21 -15.60 1.99 0.79
CA LEU B 21 -14.77 2.38 1.91
C LEU B 21 -14.54 3.88 1.91
N CYS B 22 -14.60 4.48 3.09
CA CYS B 22 -14.29 5.90 3.23
C CYS B 22 -13.07 6.08 4.11
N THR B 23 -12.13 6.90 3.66
CA THR B 23 -11.01 7.34 4.49
C THR B 23 -10.84 8.84 4.40
N ASP B 24 -9.77 9.34 4.98
CA ASP B 24 -9.47 10.74 4.85
C ASP B 24 -8.04 10.90 4.32
N SER B 25 -7.47 12.08 4.52
CA SER B 25 -6.08 12.34 4.20
C SER B 25 -5.13 11.59 5.12
N GLN B 26 -5.64 11.16 6.28
CA GLN B 26 -4.81 10.43 7.28
C GLN B 26 -4.78 8.90 7.08
N GLY B 27 -5.77 8.36 6.38
CA GLY B 27 -5.88 6.93 6.14
C GLY B 27 -6.72 6.23 7.20
N LEU B 28 -7.41 7.02 8.02
CA LEU B 28 -8.38 6.54 9.00
C LEU B 28 -9.46 5.77 8.28
N ASN B 29 -9.67 4.51 8.65
CA ASN B 29 -10.80 3.75 8.14
C ASN B 29 -12.08 4.33 8.74
N LEU B 30 -12.74 5.22 8.01
CA LEU B 30 -13.97 5.85 8.45
C LEU B 30 -15.24 5.04 8.13
N GLY B 31 -15.10 3.75 7.85
CA GLY B 31 -16.26 2.93 7.53
C GLY B 31 -16.09 2.24 6.20
N CYS B 32 -16.29 0.93 6.21
CA CYS B 32 -16.12 0.12 5.03
C CYS B 32 -17.17 -0.95 5.04
N ARG B 33 -17.56 -1.40 3.85
CA ARG B 33 -18.39 -2.59 3.73
C ARG B 33 -17.78 -3.53 2.67
N GLY B 34 -18.11 -4.82 2.78
CA GLY B 34 -17.85 -5.80 1.74
C GLY B 34 -16.38 -6.07 1.46
N THR B 35 -15.98 -5.93 0.20
CA THR B 35 -14.64 -6.34 -0.23
C THR B 35 -13.52 -5.43 0.23
N LEU B 36 -13.84 -4.23 0.67
CA LEU B 36 -12.83 -3.28 1.08
C LEU B 36 -12.81 -3.18 2.60
N SER B 37 -11.63 -3.32 3.20
CA SER B 37 -11.48 -3.26 4.65
C SER B 37 -10.16 -2.61 5.06
N ASP B 38 -9.82 -2.73 6.34
CA ASP B 38 -8.71 -1.99 6.97
C ASP B 38 -7.37 -2.02 6.23
N GLU B 39 -6.98 -3.18 5.71
CA GLU B 39 -5.70 -3.30 5.00
C GLU B 39 -5.70 -2.53 3.66
N HIS B 40 -6.89 -2.14 3.19
CA HIS B 40 -7.06 -1.40 1.93
C HIS B 40 -7.14 0.09 2.11
N ALA B 41 -7.55 0.51 3.30
CA ALA B 41 -7.84 1.91 3.59
C ALA B 41 -6.64 2.82 3.37
N GLY B 42 -5.48 2.44 3.90
CA GLY B 42 -4.24 3.18 3.69
C GLY B 42 -3.85 3.41 2.23
N VAL B 43 -3.79 2.34 1.43
CA VAL B 43 -3.34 2.43 0.04
C VAL B 43 -4.33 3.30 -0.73
N ILE B 44 -5.62 3.14 -0.44
CA ILE B 44 -6.69 3.93 -1.05
C ILE B 44 -6.53 5.44 -0.78
N SER B 45 -6.18 5.77 0.44
CA SER B 45 -5.96 7.14 0.83
C SER B 45 -4.73 7.73 0.14
N VAL B 46 -3.68 6.91 0.03
CA VAL B 46 -2.41 7.32 -0.59
C VAL B 46 -2.64 7.59 -2.09
N LEU B 47 -3.37 6.72 -2.76
CA LEU B 47 -3.65 6.83 -4.21
C LEU B 47 -4.34 8.13 -4.57
N ALA B 48 -5.36 8.48 -3.79
CA ALA B 48 -6.14 9.70 -4.06
C ALA B 48 -5.26 10.92 -3.89
N GLN B 49 -4.44 10.88 -2.84
CA GLN B 49 -3.51 11.92 -2.53
C GLN B 49 -2.44 12.08 -3.61
N GLN B 50 -1.89 10.96 -4.05
CA GLN B 50 -0.90 10.95 -5.11
C GLN B 50 -1.46 11.44 -6.46
N ALA B 51 -2.69 11.07 -6.74
CA ALA B 51 -3.38 11.46 -7.97
C ALA B 51 -3.68 12.95 -7.98
N ALA B 52 -4.00 13.51 -6.83
CA ALA B 52 -4.23 14.97 -6.71
C ALA B 52 -3.01 15.78 -7.13
N LYS B 53 -1.82 15.21 -6.96
CA LYS B 53 -0.59 15.90 -7.35
C LYS B 53 -0.43 16.04 -8.87
N LEU B 54 -1.27 15.34 -9.62
CA LEU B 54 -1.14 15.37 -11.08
C LEU B 54 -1.78 16.60 -11.71
N THR B 55 -2.28 17.50 -10.86
CA THR B 55 -2.86 18.77 -11.33
C THR B 55 -2.66 19.85 -10.28
N SER B 56 -2.66 21.10 -10.71
CA SER B 56 -2.85 22.23 -9.77
C SER B 56 -4.29 22.74 -9.96
N ASP B 57 -5.23 22.09 -9.30
CA ASP B 57 -6.63 22.03 -9.75
C ASP B 57 -7.22 23.31 -10.33
N PRO B 58 -7.66 23.26 -11.60
CA PRO B 58 -8.77 24.08 -12.05
C PRO B 58 -10.04 23.76 -11.24
N THR B 59 -9.84 23.33 -9.99
CA THR B 59 -10.89 22.67 -9.18
C THR B 59 -11.17 21.30 -9.82
N ASP B 60 -10.08 20.65 -10.20
CA ASP B 60 -10.13 19.49 -11.05
C ASP B 60 -9.61 18.33 -10.22
N ILE B 61 -10.50 17.75 -9.42
CA ILE B 61 -10.16 16.64 -8.54
C ILE B 61 -10.45 15.30 -9.22
N PRO B 62 -9.41 14.48 -9.40
CA PRO B 62 -9.52 13.35 -10.30
C PRO B 62 -10.19 12.16 -9.64
N VAL B 63 -10.74 11.30 -10.49
CA VAL B 63 -11.15 9.96 -10.10
C VAL B 63 -10.03 9.00 -10.53
N VAL B 64 -9.56 8.19 -9.58
CA VAL B 64 -8.60 7.14 -9.84
C VAL B 64 -9.37 5.85 -10.04
N CYS B 65 -9.12 5.17 -11.15
CA CYS B 65 -9.81 3.93 -11.44
C CYS B 65 -8.80 2.84 -11.72
N LEU B 66 -8.85 1.78 -10.91
CA LEU B 66 -8.03 0.57 -11.13
C LEU B 66 -8.93 -0.40 -11.82
N GLU B 67 -8.65 -0.64 -13.10
CA GLU B 67 -9.50 -1.44 -13.98
C GLU B 67 -9.01 -2.89 -14.10
N SER B 68 -9.88 -3.86 -13.75
CA SER B 68 -9.57 -5.27 -13.98
CA SER B 68 -9.56 -5.27 -13.99
C SER B 68 -10.62 -5.92 -14.87
N ASP B 69 -10.33 -7.13 -15.37
CA ASP B 69 -11.26 -7.89 -16.23
C ASP B 69 -12.64 -8.08 -15.64
N ASN B 70 -12.68 -8.22 -14.31
CA ASN B 70 -13.92 -8.53 -13.59
C ASN B 70 -14.72 -7.28 -13.19
N GLY B 71 -14.01 -6.25 -12.70
CA GLY B 71 -14.65 -5.01 -12.27
C GLY B 71 -13.68 -3.87 -12.16
N ASN B 72 -14.01 -2.88 -11.34
CA ASN B 72 -13.23 -1.64 -11.16
C ASN B 72 -13.24 -1.21 -9.70
N ILE B 73 -12.17 -0.57 -9.26
CA ILE B 73 -12.18 0.21 -8.03
C ILE B 73 -12.04 1.69 -8.38
N MET B 74 -13.03 2.47 -7.95
CA MET B 74 -13.07 3.87 -8.28
C MET B 74 -12.86 4.62 -7.01
N ILE B 75 -11.91 5.55 -7.04
CA ILE B 75 -11.51 6.33 -5.89
C ILE B 75 -11.63 7.83 -6.15
N GLN B 76 -12.40 8.54 -5.32
CA GLN B 76 -12.47 10.00 -5.39
C GLN B 76 -12.53 10.66 -4.02
N LYS B 77 -11.89 11.83 -3.94
CA LYS B 77 -11.90 12.66 -2.74
C LYS B 77 -13.01 13.67 -2.82
N HIS B 78 -13.87 13.69 -1.81
CA HIS B 78 -14.91 14.71 -1.70
C HIS B 78 -15.53 14.65 -0.34
N ASP B 79 -15.15 15.53 0.59
CA ASP B 79 -14.00 16.43 0.54
C ASP B 79 -13.35 16.19 1.89
N GLY B 80 -12.03 16.04 1.91
CA GLY B 80 -11.37 15.50 3.09
C GLY B 80 -11.83 14.07 3.36
N ILE B 81 -12.89 13.63 2.66
CA ILE B 81 -13.36 12.25 2.70
C ILE B 81 -13.05 11.61 1.33
N THR B 82 -12.33 10.50 1.38
CA THR B 82 -11.96 9.75 0.18
C THR B 82 -12.85 8.52 0.07
N VAL B 83 -13.58 8.40 -1.03
CA VAL B 83 -14.56 7.31 -1.22
C VAL B 83 -14.11 6.36 -2.32
N ALA B 84 -14.00 5.08 -1.97
CA ALA B 84 -13.60 4.06 -2.90
C ALA B 84 -14.77 3.15 -3.09
N VAL B 85 -15.03 2.76 -4.33
CA VAL B 85 -16.13 1.86 -4.62
C VAL B 85 -15.62 0.73 -5.50
N HIS B 86 -15.90 -0.50 -5.08
CA HIS B 86 -15.51 -1.69 -5.82
C HIS B 86 -16.71 -2.22 -6.51
N LYS B 87 -16.71 -2.08 -7.83
CA LYS B 87 -17.82 -2.53 -8.69
C LYS B 87 -17.45 -3.78 -9.43
N MET B 88 -18.42 -4.65 -9.67
CA MET B 88 -18.28 -5.73 -10.65
C MET B 88 -18.79 -5.26 -12.02
N ALA B 89 -18.18 -5.77 -13.11
CA ALA B 89 -18.38 -5.23 -14.46
C ALA B 89 -19.83 -4.95 -14.82
N LEU C 1 37.63 -8.59 8.81
CA LEU C 1 36.26 -8.27 8.29
C LEU C 1 35.18 -9.15 8.89
N ALA C 2 34.07 -8.54 9.33
CA ALA C 2 33.00 -9.22 10.04
C ALA C 2 32.31 -10.32 9.22
N ARG C 3 31.85 -11.37 9.90
CA ARG C 3 31.16 -12.49 9.28
C ARG C 3 29.71 -12.13 9.02
N ILE C 4 29.33 -12.06 7.74
CA ILE C 4 27.94 -11.78 7.35
C ILE C 4 27.13 -13.07 7.45
N PRO C 5 25.98 -13.06 8.16
CA PRO C 5 25.15 -14.26 8.22
C PRO C 5 24.76 -14.77 6.82
N ASP C 6 24.52 -16.07 6.72
CA ASP C 6 24.24 -16.75 5.47
C ASP C 6 22.92 -16.31 4.85
N GLN C 7 22.89 -16.27 3.53
CA GLN C 7 21.66 -16.14 2.77
C GLN C 7 20.99 -17.51 2.72
N LEU C 8 19.71 -17.59 3.05
CA LEU C 8 18.97 -18.84 2.98
C LEU C 8 18.04 -18.92 1.76
N GLY C 9 17.87 -17.82 1.05
CA GLY C 9 17.02 -17.78 -0.13
C GLY C 9 16.72 -16.38 -0.59
N TYR C 10 16.16 -16.27 -1.78
CA TYR C 10 15.70 -15.00 -2.27
C TYR C 10 14.49 -15.15 -3.17
N LEU C 11 13.81 -14.03 -3.37
CA LEU C 11 12.63 -13.94 -4.19
C LEU C 11 12.61 -12.59 -4.87
N VAL C 12 12.33 -12.56 -6.17
CA VAL C 12 12.03 -11.31 -6.86
C VAL C 12 10.65 -11.44 -7.46
N LEU C 13 9.77 -10.52 -7.10
CA LEU C 13 8.43 -10.49 -7.64
C LEU C 13 8.33 -9.30 -8.61
N SER C 14 7.65 -9.53 -9.72
CA SER C 14 7.40 -8.50 -10.72
C SER C 14 6.07 -8.93 -11.27
N GLU C 15 5.07 -8.09 -11.14
CA GLU C 15 3.85 -8.78 -10.82
C GLU C 15 2.91 -9.27 -11.89
N GLY C 16 2.01 -10.16 -11.48
CA GLY C 16 1.96 -10.56 -10.06
C GLY C 16 2.80 -11.76 -9.68
N ALA C 17 3.90 -11.99 -10.38
CA ALA C 17 4.54 -13.29 -10.46
C ALA C 17 5.93 -13.35 -9.82
N VAL C 18 6.40 -14.57 -9.57
CA VAL C 18 7.77 -14.82 -9.20
C VAL C 18 8.62 -14.59 -10.47
N LEU C 19 9.49 -13.59 -10.45
CA LEU C 19 10.43 -13.33 -11.55
C LEU C 19 11.69 -14.22 -11.40
N ALA C 20 12.12 -14.40 -10.16
CA ALA C 20 13.31 -15.20 -9.84
C ALA C 20 13.23 -15.62 -8.38
N SER C 21 13.80 -16.77 -8.07
CA SER C 21 13.82 -17.27 -6.69
C SER C 21 14.90 -18.34 -6.51
N SER C 22 15.30 -18.59 -5.27
CA SER C 22 16.20 -19.71 -4.97
C SER C 22 16.22 -20.00 -3.49
N GLY C 23 16.95 -21.04 -3.10
CA GLY C 23 17.11 -21.45 -1.70
C GLY C 23 15.79 -21.83 -1.10
N ASP C 24 15.58 -21.47 0.17
CA ASP C 24 14.35 -21.76 0.88
C ASP C 24 13.12 -21.21 0.17
N LEU C 25 13.30 -20.19 -0.65
CA LEU C 25 12.17 -19.45 -1.26
C LEU C 25 11.81 -19.87 -2.70
N GLU C 26 12.53 -20.86 -3.23
CA GLU C 26 12.16 -21.55 -4.46
C GLU C 26 11.01 -22.51 -4.11
N ASN C 27 9.95 -22.69 -4.89
CA ASN C 27 9.36 -21.83 -5.88
C ASN C 27 8.14 -21.43 -5.06
N ASP C 28 8.39 -20.73 -3.96
CA ASP C 28 7.44 -20.73 -2.87
C ASP C 28 6.38 -19.69 -3.12
N GLU C 29 5.34 -20.08 -3.84
CA GLU C 29 4.35 -19.14 -4.27
C GLU C 29 3.48 -18.70 -3.09
N GLN C 30 3.30 -19.58 -2.12
CA GLN C 30 2.63 -19.22 -0.87
C GLN C 30 3.36 -18.08 -0.11
N ALA C 31 4.68 -18.18 0.02
CA ALA C 31 5.44 -17.12 0.68
C ALA C 31 5.37 -15.84 -0.15
N ALA C 32 5.51 -15.99 -1.46
CA ALA C 32 5.43 -14.87 -2.40
C ALA C 32 4.13 -14.09 -2.21
N SER C 33 3.05 -14.86 -2.11
CA SER C 33 1.73 -14.32 -1.92
C SER C 33 1.59 -13.59 -0.60
N ALA C 34 2.08 -14.21 0.47
CA ALA C 34 1.96 -13.63 1.79
C ALA C 34 2.79 -12.36 1.93
N ILE C 35 3.99 -12.36 1.37
CA ILE C 35 4.85 -11.18 1.31
C ILE C 35 4.17 -10.06 0.51
N SER C 36 3.59 -10.42 -0.63
CA SER C 36 2.88 -9.43 -1.45
C SER C 36 1.76 -8.73 -0.71
N GLU C 37 1.02 -9.48 0.11
CA GLU C 37 -0.04 -8.89 0.93
C GLU C 37 0.50 -7.97 1.99
N LEU C 38 1.58 -8.41 2.68
CA LEU C 38 2.28 -7.58 3.67
C LEU C 38 2.72 -6.25 3.08
N VAL C 39 3.39 -6.32 1.92
CA VAL C 39 3.86 -5.14 1.20
C VAL C 39 2.72 -4.18 0.84
N SER C 40 1.60 -4.73 0.36
CA SER C 40 0.43 -3.93 0.04
C SER C 40 0.00 -3.11 1.25
N THR C 41 -0.17 -3.80 2.38
CA THR C 41 -0.51 -3.17 3.65
C THR C 41 0.57 -2.18 4.06
N ALA C 42 1.83 -2.59 3.96
CA ALA C 42 2.94 -1.70 4.27
C ALA C 42 2.97 -0.46 3.36
N CYS C 43 2.74 -0.65 2.05
CA CYS C 43 2.66 0.44 1.06
C CYS C 43 1.66 1.52 1.46
N GLY C 44 0.59 1.11 2.12
CA GLY C 44 -0.45 2.04 2.50
C GLY C 44 -0.16 2.72 3.81
N PHE C 45 0.82 2.21 4.56
CA PHE C 45 1.11 2.72 5.89
C PHE C 45 1.71 4.10 5.82
N ARG C 46 1.08 5.07 6.48
CA ARG C 46 1.67 6.41 6.59
C ARG C 46 1.84 6.83 8.03
N LEU C 47 3.05 7.24 8.37
CA LEU C 47 3.38 7.71 9.70
C LEU C 47 2.51 8.94 10.01
N HIS C 48 2.54 9.92 9.10
CA HIS C 48 1.81 11.18 9.29
C HIS C 48 1.38 11.91 8.03
N ARG C 49 2.32 12.42 7.23
CA ARG C 49 2.04 13.53 6.27
C ARG C 49 2.30 13.32 4.77
N GLY C 50 3.57 13.10 4.41
CA GLY C 50 4.00 13.04 3.00
C GLY C 50 3.82 11.67 2.33
N MET C 51 4.17 11.59 1.04
CA MET C 51 4.21 10.31 0.34
C MET C 51 5.52 9.64 0.75
N ASN C 52 6.03 10.11 1.88
CA ASN C 52 7.16 9.51 2.59
C ASN C 52 7.00 7.98 2.77
N VAL C 53 7.51 7.20 1.82
CA VAL C 53 7.60 5.77 2.06
C VAL C 53 8.63 5.69 3.21
N PRO C 54 8.19 5.49 4.46
CA PRO C 54 6.99 4.73 4.92
C PRO C 54 7.58 3.35 5.15
N PHE C 55 8.46 2.98 4.21
CA PHE C 55 9.62 2.19 4.50
C PHE C 55 10.68 2.32 3.40
N LYS C 56 11.93 2.52 3.80
CA LYS C 56 13.03 2.17 2.91
C LYS C 56 13.22 0.63 2.89
N ARG C 57 12.82 -0.05 3.98
CA ARG C 57 12.89 -1.51 4.10
C ARG C 57 11.83 -2.10 5.05
N LEU C 58 11.33 -3.25 4.68
CA LEU C 58 10.48 -4.00 5.56
C LEU C 58 11.19 -5.28 5.99
N SER C 59 11.33 -5.51 7.29
CA SER C 59 11.83 -6.84 7.70
C SER C 59 10.89 -7.60 8.62
N VAL C 60 10.95 -8.92 8.51
CA VAL C 60 10.17 -9.81 9.34
C VAL C 60 11.18 -10.72 10.04
N VAL C 61 11.25 -10.58 11.36
CA VAL C 61 12.33 -11.20 12.15
C VAL C 61 11.70 -12.35 12.93
N PHE C 62 12.09 -13.57 12.58
CA PHE C 62 11.65 -14.78 13.28
C PHE C 62 12.78 -15.22 14.22
N GLY C 63 12.63 -16.35 14.90
CA GLY C 63 13.65 -16.82 15.88
C GLY C 63 15.05 -17.02 15.33
N GLU C 64 15.15 -17.71 14.19
CA GLU C 64 16.45 -18.02 13.64
C GLU C 64 16.77 -17.37 12.29
N HIS C 65 15.81 -16.68 11.70
CA HIS C 65 16.02 -16.03 10.39
C HIS C 65 15.21 -14.76 10.24
N THR C 66 15.56 -13.94 9.24
CA THR C 66 14.75 -12.78 8.91
C THR C 66 14.55 -12.58 7.41
N LEU C 67 13.34 -12.14 7.07
CA LEU C 67 13.07 -11.69 5.72
C LEU C 67 13.27 -10.18 5.59
N LEU C 68 14.08 -9.81 4.60
CA LEU C 68 14.38 -8.43 4.23
C LEU C 68 13.69 -8.08 2.91
N VAL C 69 12.81 -7.08 2.97
CA VAL C 69 11.90 -6.77 1.86
C VAL C 69 12.04 -5.32 1.40
N THR C 70 12.23 -5.18 0.09
CA THR C 70 12.47 -3.93 -0.57
C THR C 70 11.62 -3.84 -1.85
N VAL C 71 11.03 -2.67 -2.08
CA VAL C 71 10.24 -2.39 -3.27
C VAL C 71 10.98 -1.35 -4.09
N SER C 72 11.08 -1.61 -5.39
CA SER C 72 11.37 -0.52 -6.31
C SER C 72 10.92 -0.76 -7.74
N GLY C 73 10.15 0.12 -8.36
CA GLY C 73 8.95 0.64 -7.83
C GLY C 73 7.90 -0.43 -8.09
N GLN C 74 8.01 -1.22 -9.15
CA GLN C 74 7.05 -2.33 -9.35
C GLN C 74 7.61 -3.74 -8.94
N ARG C 75 8.90 -3.80 -8.65
CA ARG C 75 9.55 -5.03 -8.20
C ARG C 75 9.64 -5.10 -6.69
N VAL C 76 9.48 -6.30 -6.17
CA VAL C 76 9.68 -6.59 -4.75
C VAL C 76 10.89 -7.54 -4.61
N PHE C 77 11.91 -7.11 -3.88
CA PHE C 77 13.10 -7.93 -3.61
C PHE C 77 13.06 -8.47 -2.18
N VAL C 78 13.21 -9.78 -2.05
CA VAL C 78 13.22 -10.46 -0.74
C VAL C 78 14.49 -11.31 -0.58
N VAL C 79 15.20 -11.13 0.54
CA VAL C 79 16.33 -11.95 0.94
C VAL C 79 15.97 -12.61 2.29
N LYS C 80 16.08 -13.93 2.34
CA LYS C 80 15.98 -14.64 3.61
C LYS C 80 17.38 -14.84 4.16
N ARG C 81 17.63 -14.34 5.36
CA ARG C 81 18.97 -14.36 5.93
C ARG C 81 18.92 -15.05 7.30
N GLN C 82 19.89 -15.91 7.61
CA GLN C 82 19.96 -16.46 8.97
C GLN C 82 20.25 -15.29 9.93
N ASN C 83 19.74 -15.36 11.15
CA ASN C 83 20.04 -14.30 12.15
C ASN C 83 21.45 -14.38 12.71
N ALA C 84 21.90 -13.24 13.25
CA ALA C 84 22.86 -13.16 14.39
C ALA C 84 23.85 -14.28 14.47
N THR D 1 -2.49 -0.62 34.61
CA THR D 1 -2.80 -1.88 33.87
C THR D 1 -1.95 -1.94 32.61
N LEU D 2 -2.61 -2.08 31.46
CA LEU D 2 -1.97 -1.97 30.15
C LEU D 2 -1.73 -0.49 29.83
N GLU D 3 -2.55 0.36 30.44
CA GLU D 3 -2.39 1.79 30.35
C GLU D 3 -1.06 2.20 30.96
N GLN D 4 -0.71 1.58 32.09
CA GLN D 4 0.57 1.81 32.76
C GLN D 4 1.79 1.36 31.97
N HIS D 5 1.68 0.22 31.29
CA HIS D 5 2.76 -0.29 30.44
C HIS D 5 3.03 0.65 29.29
N LEU D 6 1.96 1.16 28.67
CA LEU D 6 2.08 2.19 27.62
C LEU D 6 2.84 3.42 28.12
N GLU D 7 2.47 3.92 29.31
CA GLU D 7 3.15 5.06 29.95
C GLU D 7 4.64 4.77 30.22
N ASP D 8 4.92 3.62 30.81
CA ASP D 8 6.28 3.17 31.06
C ASP D 8 7.14 3.04 29.81
N THR D 9 6.59 2.45 28.76
CA THR D 9 7.28 2.33 27.46
C THR D 9 7.71 3.71 26.91
N MET D 10 6.81 4.70 27.02
CA MET D 10 7.06 6.03 26.49
C MET D 10 8.22 6.76 27.18
N LYS D 11 8.56 6.33 28.40
CA LYS D 11 9.64 6.95 29.18
C LYS D 11 10.97 6.81 28.48
N ASN D 12 11.14 5.71 27.77
CA ASN D 12 12.33 5.50 26.95
C ASN D 12 12.41 6.66 25.98
N PRO D 13 13.56 7.35 25.96
CA PRO D 13 13.73 8.58 25.17
C PRO D 13 13.77 8.39 23.65
N SER D 14 14.07 7.18 23.15
CA SER D 14 13.99 6.93 21.70
C SER D 14 12.62 6.40 21.23
N ILE D 15 11.73 6.12 22.18
CA ILE D 15 10.38 5.67 21.87
C ILE D 15 9.40 6.87 21.80
N VAL D 16 8.87 7.14 20.60
CA VAL D 16 7.94 8.27 20.40
C VAL D 16 6.47 7.84 20.19
N GLY D 17 6.25 6.54 20.10
CA GLY D 17 4.89 6.00 19.95
C GLY D 17 4.79 4.54 20.35
N VAL D 18 3.60 4.16 20.81
CA VAL D 18 3.29 2.79 21.21
C VAL D 18 1.78 2.61 21.05
N LEU D 19 1.36 1.42 20.64
CA LEU D 19 -0.04 1.11 20.42
C LEU D 19 -0.30 -0.39 20.66
N CYS D 20 -1.44 -0.70 21.25
CA CYS D 20 -1.87 -2.10 21.40
C CYS D 20 -3.17 -2.37 20.65
N THR D 21 -3.20 -3.46 19.89
CA THR D 21 -4.43 -3.99 19.27
C THR D 21 -4.52 -5.50 19.49
N ASP D 22 -5.48 -6.13 18.82
CA ASP D 22 -5.69 -7.58 18.89
C ASP D 22 -5.92 -8.12 17.46
N SER D 23 -6.64 -9.23 17.29
CA SER D 23 -6.92 -9.77 15.95
C SER D 23 -7.87 -8.87 15.11
N GLN D 24 -8.48 -7.90 15.78
CA GLN D 24 -8.98 -6.69 15.13
C GLN D 24 -7.84 -5.66 15.31
N GLY D 25 -7.93 -4.43 14.82
CA GLY D 25 -9.17 -3.75 14.50
C GLY D 25 -9.29 -2.82 15.68
N LEU D 26 -9.13 -3.40 16.87
CA LEU D 26 -9.46 -2.74 18.12
C LEU D 26 -8.28 -2.04 18.73
N ASN D 27 -8.45 -0.74 18.90
CA ASN D 27 -7.53 0.10 19.64
C ASN D 27 -7.68 -0.24 21.12
N LEU D 28 -6.66 -0.89 21.67
CA LEU D 28 -6.61 -1.21 23.10
C LEU D 28 -5.71 -0.24 23.88
N GLY D 29 -5.39 0.90 23.29
CA GLY D 29 -4.59 1.92 23.99
C GLY D 29 -3.36 2.27 23.20
N CYS D 30 -2.98 3.54 23.25
CA CYS D 30 -1.92 4.04 22.39
C CYS D 30 -1.42 5.39 22.86
N ARG D 31 -0.17 5.71 22.54
CA ARG D 31 0.46 6.96 22.99
C ARG D 31 1.31 7.52 21.87
N GLY D 32 1.56 8.84 21.92
CA GLY D 32 2.52 9.51 21.04
C GLY D 32 2.14 9.51 19.57
N THR D 33 3.11 9.18 18.71
CA THR D 33 2.91 9.14 17.25
C THR D 33 1.90 8.12 16.76
N LEU D 34 1.61 7.08 17.54
CA LEU D 34 0.69 6.04 17.09
C LEU D 34 -0.72 6.22 17.68
N SER D 35 -1.74 6.32 16.83
CA SER D 35 -3.12 6.54 17.30
C SER D 35 -4.13 5.72 16.52
N ASP D 36 -5.40 6.12 16.55
CA ASP D 36 -6.50 5.31 15.98
C ASP D 36 -6.33 4.95 14.51
N GLU D 37 -5.87 5.90 13.69
CA GLU D 37 -5.74 5.61 12.25
C GLU D 37 -4.72 4.50 11.92
N HIS D 38 -4.01 4.02 12.95
CA HIS D 38 -2.94 3.01 12.82
C HIS D 38 -3.35 1.63 13.25
N ALA D 39 -4.32 1.55 14.14
CA ALA D 39 -4.70 0.30 14.80
C ALA D 39 -5.01 -0.86 13.84
N GLY D 40 -5.80 -0.58 12.83
CA GLY D 40 -6.18 -1.60 11.87
C GLY D 40 -5.01 -2.12 11.08
N VAL D 41 -4.21 -1.20 10.56
CA VAL D 41 -3.08 -1.49 9.69
C VAL D 41 -2.02 -2.30 10.45
N ILE D 42 -1.77 -1.93 11.70
CA ILE D 42 -0.83 -2.64 12.58
C ILE D 42 -1.33 -4.05 12.90
N SER D 43 -2.60 -4.17 13.24
CA SER D 43 -3.21 -5.47 13.47
C SER D 43 -3.10 -6.40 12.26
N VAL D 44 -3.34 -5.83 11.08
CA VAL D 44 -3.28 -6.55 9.82
C VAL D 44 -1.84 -6.98 9.52
N LEU D 45 -0.88 -6.09 9.75
CA LEU D 45 0.53 -6.39 9.52
C LEU D 45 1.01 -7.61 10.33
N ALA D 46 0.65 -7.67 11.62
CA ALA D 46 1.02 -8.80 12.48
C ALA D 46 0.36 -10.09 11.98
N GLN D 47 -0.93 -10.00 11.66
CA GLN D 47 -1.74 -11.13 11.22
C GLN D 47 -1.18 -11.63 9.87
N GLN D 48 -0.85 -10.70 8.98
CA GLN D 48 -0.28 -11.08 7.68
C GLN D 48 1.11 -11.69 7.77
N ALA D 49 1.92 -11.18 8.69
CA ALA D 49 3.28 -11.66 8.89
C ALA D 49 3.30 -13.09 9.45
N ALA D 50 2.34 -13.36 10.34
CA ALA D 50 2.16 -14.67 10.94
C ALA D 50 2.01 -15.76 9.88
N LYS D 51 1.53 -15.37 8.70
CA LYS D 51 1.30 -16.34 7.64
C LYS D 51 2.61 -16.72 6.99
N LEU D 52 3.69 -16.06 7.35
CA LEU D 52 4.99 -16.41 6.76
C LEU D 52 5.64 -17.62 7.41
N THR D 53 4.95 -18.25 8.34
CA THR D 53 5.49 -19.43 9.01
C THR D 53 4.39 -20.45 9.24
N SER D 54 4.76 -21.73 9.19
CA SER D 54 3.93 -22.78 9.81
C SER D 54 4.55 -22.98 11.18
N ASP D 55 4.32 -22.01 12.06
CA ASP D 55 5.10 -21.74 13.29
C ASP D 55 5.69 -22.92 14.04
N PRO D 56 7.01 -22.86 14.32
CA PRO D 56 7.54 -23.52 15.50
C PRO D 56 7.14 -22.73 16.74
N THR D 57 5.94 -22.14 16.72
CA THR D 57 5.52 -21.09 17.70
C THR D 57 6.44 -19.86 17.54
N ASP D 58 6.69 -19.55 16.28
CA ASP D 58 7.67 -18.61 15.81
C ASP D 58 6.92 -17.34 15.40
N ILE D 59 6.74 -16.48 16.39
CA ILE D 59 6.01 -15.24 16.25
C ILE D 59 6.99 -14.14 15.83
N PRO D 60 6.84 -13.66 14.60
CA PRO D 60 7.76 -12.69 14.02
C PRO D 60 7.63 -11.27 14.60
N VAL D 61 8.73 -10.52 14.53
CA VAL D 61 8.68 -9.07 14.64
C VAL D 61 8.68 -8.48 13.21
N VAL D 62 7.68 -7.67 12.92
CA VAL D 62 7.62 -6.88 11.68
C VAL D 62 8.24 -5.52 11.96
N CYS D 63 9.29 -5.20 11.23
CA CYS D 63 9.91 -3.88 11.32
C CYS D 63 9.82 -3.05 10.03
N LEU D 64 9.17 -1.91 10.12
CA LEU D 64 9.15 -0.93 9.03
C LEU D 64 10.21 0.12 9.25
N GLU D 65 11.19 0.17 8.35
CA GLU D 65 12.36 1.00 8.55
C GLU D 65 12.30 2.25 7.67
N SER D 66 12.65 3.41 8.25
CA SER D 66 12.86 4.65 7.50
CA SER D 66 12.86 4.64 7.49
C SER D 66 14.27 5.15 7.78
N ASP D 67 14.67 6.24 7.14
CA ASP D 67 15.98 6.82 7.43
C ASP D 67 16.04 7.41 8.85
N ASN D 68 14.91 7.94 9.30
CA ASN D 68 14.81 8.59 10.60
C ASN D 68 14.40 7.66 11.75
N GLY D 69 13.37 6.83 11.53
CA GLY D 69 12.85 5.93 12.58
C GLY D 69 12.38 4.55 12.16
N ASN D 70 11.95 3.75 13.14
CA ASN D 70 11.49 2.38 12.91
C ASN D 70 10.21 2.13 13.64
N ILE D 71 9.32 1.36 13.03
CA ILE D 71 8.15 0.82 13.70
C ILE D 71 8.29 -0.68 13.82
N MET D 72 8.26 -1.18 15.06
CA MET D 72 8.33 -2.60 15.34
C MET D 72 7.03 -3.15 15.91
N ILE D 73 6.61 -4.27 15.35
CA ILE D 73 5.31 -4.84 15.68
C ILE D 73 5.46 -6.29 16.00
N GLN D 74 4.88 -6.70 17.12
CA GLN D 74 4.87 -8.12 17.53
C GLN D 74 3.63 -8.48 18.33
N LYS D 75 3.08 -9.66 18.06
CA LYS D 75 1.98 -10.21 18.85
C LYS D 75 2.55 -10.83 20.11
N HIS D 76 1.81 -10.77 21.21
CA HIS D 76 2.27 -11.40 22.44
C HIS D 76 1.35 -12.43 23.01
N ASP D 77 0.08 -12.11 23.21
CA ASP D 77 -0.88 -13.21 23.46
C ASP D 77 -2.24 -12.76 23.03
N GLY D 78 -2.41 -12.55 21.73
CA GLY D 78 -3.60 -11.85 21.24
C GLY D 78 -3.59 -10.34 21.54
N ILE D 79 -2.46 -9.83 22.05
CA ILE D 79 -2.22 -8.40 22.13
C ILE D 79 -1.12 -8.12 21.10
N THR D 80 -1.41 -7.25 20.13
CA THR D 80 -0.40 -6.80 19.17
C THR D 80 0.20 -5.49 19.66
N VAL D 81 1.51 -5.48 19.90
CA VAL D 81 2.20 -4.30 20.38
C VAL D 81 3.10 -3.68 19.30
N ALA D 82 2.86 -2.42 19.00
CA ALA D 82 3.70 -1.69 18.06
C ALA D 82 4.46 -0.62 18.81
N VAL D 83 5.74 -0.45 18.47
CA VAL D 83 6.58 0.60 19.03
C VAL D 83 7.24 1.40 17.92
N HIS D 84 7.17 2.73 18.02
CA HIS D 84 7.85 3.60 17.08
C HIS D 84 9.05 4.19 17.76
N LYS D 85 10.24 3.84 17.25
CA LYS D 85 11.52 4.23 17.83
C LYS D 85 12.24 5.20 16.90
N MET D 86 12.95 6.18 17.47
CA MET D 86 13.69 7.16 16.65
C MET D 86 15.03 6.65 16.20
#